data_3FHG
#
_entry.id   3FHG
#
_cell.length_a   110.960
_cell.length_b   110.960
_cell.length_c   34.410
_cell.angle_alpha   90.000
_cell.angle_beta   90.000
_cell.angle_gamma   120.000
#
_symmetry.space_group_name_H-M   'P 6'
#
loop_
_entity.id
_entity.type
_entity.pdbx_description
1 polymer 'N-glycosylase/DNA lyase'
2 non-polymer GLYCEROL
3 non-polymer 'SULFATE ION'
4 water water
#
_entity_poly.entity_id   1
_entity_poly.type   'polypeptide(L)'
_entity_poly.pdbx_seq_one_letter_code
;MLRSLVQNPKVRARVLERVDEFRLNNLSNEEVWFRELTLCLLTANSSFISAYQALNCLGQKIYYANEEEIRNILKSCKYR
FYNLKAKYIIMAREKVYGRLKEEIKPLADEDQQLARERLLNIKGIGMQEASHFLRNVGYFDLAIIDRHIIDFMRRIGAIG
ETNVKQLSKSLYISFENILKSIASNLNMSVGILDLFIWYKETNTIVK
;
_entity_poly.pdbx_strand_id   A
#
loop_
_chem_comp.id
_chem_comp.type
_chem_comp.name
_chem_comp.formula
GOL non-polymer GLYCEROL 'C3 H8 O3'
SO4 non-polymer 'SULFATE ION' 'O4 S -2'
#
# COMPACT_ATOMS: atom_id res chain seq x y z
N MET A 1 -22.90 10.14 5.78
CA MET A 1 -21.68 10.96 5.49
C MET A 1 -20.62 10.11 4.80
N LEU A 2 -20.59 8.83 5.14
CA LEU A 2 -19.63 7.90 4.56
C LEU A 2 -20.44 6.88 3.76
N ARG A 3 -21.59 6.50 4.33
CA ARG A 3 -22.48 5.55 3.69
C ARG A 3 -22.82 5.97 2.26
N SER A 4 -22.93 7.28 2.05
CA SER A 4 -23.25 7.82 0.73
C SER A 4 -22.11 7.53 -0.24
N LEU A 5 -20.90 7.85 0.17
CA LEU A 5 -19.70 7.64 -0.65
C LEU A 5 -19.64 6.20 -1.17
N VAL A 6 -19.88 5.24 -0.28
CA VAL A 6 -19.84 3.83 -0.65
C VAL A 6 -20.93 3.41 -1.62
N GLN A 7 -22.01 4.17 -1.70
CA GLN A 7 -23.09 3.83 -2.62
C GLN A 7 -22.96 4.53 -3.97
N ASN A 8 -22.08 5.52 -4.05
CA ASN A 8 -21.87 6.26 -5.29
C ASN A 8 -21.46 5.31 -6.42
N PRO A 9 -22.32 5.17 -7.45
CA PRO A 9 -22.06 4.28 -8.59
C PRO A 9 -20.75 4.57 -9.33
N LYS A 10 -20.39 5.84 -9.45
CA LYS A 10 -19.16 6.20 -10.13
C LYS A 10 -17.96 5.66 -9.36
N VAL A 11 -17.97 5.86 -8.05
CA VAL A 11 -16.87 5.41 -7.21
C VAL A 11 -16.82 3.89 -7.14
N ARG A 12 -17.97 3.27 -6.90
CA ARG A 12 -18.04 1.82 -6.80
C ARG A 12 -17.48 1.14 -8.05
N ALA A 13 -17.86 1.64 -9.22
CA ALA A 13 -17.40 1.07 -10.48
C ALA A 13 -15.88 1.01 -10.52
N ARG A 14 -15.24 2.15 -10.30
CA ARG A 14 -13.79 2.24 -10.31
C ARG A 14 -13.15 1.34 -9.25
N VAL A 15 -13.73 1.32 -8.05
CA VAL A 15 -13.19 0.49 -6.98
C VAL A 15 -13.19 -0.99 -7.32
N LEU A 16 -14.27 -1.47 -7.92
CA LEU A 16 -14.36 -2.88 -8.29
C LEU A 16 -13.23 -3.21 -9.26
N GLU A 17 -12.91 -2.28 -10.14
CA GLU A 17 -11.84 -2.47 -11.10
C GLU A 17 -10.53 -2.73 -10.35
N ARG A 18 -10.26 -1.90 -9.33
CA ARG A 18 -9.05 -2.05 -8.52
C ARG A 18 -9.07 -3.40 -7.81
N VAL A 19 -10.22 -3.75 -7.23
CA VAL A 19 -10.34 -5.02 -6.53
C VAL A 19 -9.95 -6.14 -7.49
N ASP A 20 -10.48 -6.10 -8.72
CA ASP A 20 -10.14 -7.12 -9.71
C ASP A 20 -8.63 -7.11 -9.96
N GLU A 21 -8.07 -5.91 -10.11
N GLU A 21 -8.08 -5.90 -10.11
CA GLU A 21 -6.64 -5.75 -10.36
CA GLU A 21 -6.65 -5.74 -10.34
C GLU A 21 -5.84 -6.43 -9.26
C GLU A 21 -5.83 -6.42 -9.26
N PHE A 22 -6.22 -6.20 -8.01
CA PHE A 22 -5.51 -6.79 -6.88
C PHE A 22 -5.62 -8.31 -6.86
N ARG A 23 -6.81 -8.82 -7.17
CA ARG A 23 -6.99 -10.25 -7.19
C ARG A 23 -6.15 -10.86 -8.31
N LEU A 24 -6.11 -10.17 -9.46
CA LEU A 24 -5.31 -10.65 -10.57
C LEU A 24 -3.85 -10.66 -10.13
N ASN A 25 -3.45 -9.62 -9.40
CA ASN A 25 -2.07 -9.53 -8.94
C ASN A 25 -1.70 -10.77 -8.12
N ASN A 26 -2.60 -11.22 -7.26
CA ASN A 26 -2.34 -12.39 -6.42
C ASN A 26 -2.01 -13.63 -7.28
N LEU A 27 -2.59 -13.68 -8.48
CA LEU A 27 -2.39 -14.79 -9.40
C LEU A 27 -1.30 -14.53 -10.43
N SER A 28 -0.62 -13.39 -10.30
CA SER A 28 0.43 -13.02 -11.23
C SER A 28 1.82 -13.44 -10.76
N ASN A 29 2.79 -13.35 -11.66
CA ASN A 29 4.16 -13.76 -11.38
C ASN A 29 5.01 -12.87 -10.49
N GLU A 30 6.17 -13.39 -10.13
CA GLU A 30 7.16 -12.72 -9.30
C GLU A 30 7.44 -11.28 -9.74
N GLU A 31 7.48 -11.04 -11.04
CA GLU A 31 7.74 -9.70 -11.55
C GLU A 31 6.62 -8.75 -11.09
N VAL A 32 5.39 -9.22 -11.13
CA VAL A 32 4.28 -8.38 -10.71
C VAL A 32 4.35 -8.12 -9.21
N TRP A 33 4.68 -9.15 -8.43
CA TRP A 33 4.78 -8.96 -6.99
C TRP A 33 5.89 -7.98 -6.64
N PHE A 34 7.06 -8.10 -7.29
CA PHE A 34 8.12 -7.16 -6.97
C PHE A 34 7.77 -5.75 -7.43
N ARG A 35 7.02 -5.64 -8.51
CA ARG A 35 6.61 -4.31 -9.00
C ARG A 35 5.75 -3.64 -7.92
N GLU A 36 4.81 -4.39 -7.34
CA GLU A 36 3.94 -3.83 -6.30
C GLU A 36 4.75 -3.45 -5.07
N LEU A 37 5.75 -4.29 -4.73
CA LEU A 37 6.60 -4.00 -3.58
C LEU A 37 7.33 -2.67 -3.83
N THR A 38 7.82 -2.50 -5.05
CA THR A 38 8.53 -1.28 -5.42
C THR A 38 7.63 -0.04 -5.32
N LEU A 39 6.38 -0.20 -5.71
CA LEU A 39 5.42 0.91 -5.63
C LEU A 39 5.27 1.31 -4.15
N CYS A 40 5.17 0.31 -3.28
CA CYS A 40 5.01 0.58 -1.86
C CYS A 40 6.23 1.29 -1.27
N LEU A 41 7.43 0.94 -1.72
CA LEU A 41 8.63 1.62 -1.22
C LEU A 41 8.59 3.09 -1.64
N LEU A 42 8.13 3.34 -2.86
N LEU A 42 8.13 3.34 -2.86
CA LEU A 42 8.05 4.70 -3.39
CA LEU A 42 8.05 4.69 -3.40
C LEU A 42 6.93 5.56 -2.82
C LEU A 42 6.94 5.55 -2.81
N THR A 43 5.90 4.91 -2.28
CA THR A 43 4.78 5.65 -1.69
C THR A 43 5.11 6.20 -0.30
N ALA A 44 6.11 5.63 0.35
CA ALA A 44 6.49 6.11 1.67
C ALA A 44 6.72 7.61 1.62
N ASN A 45 6.04 8.33 2.50
CA ASN A 45 6.14 9.79 2.59
C ASN A 45 5.86 10.52 1.28
N SER A 46 5.15 9.86 0.37
CA SER A 46 4.82 10.47 -0.91
C SER A 46 3.35 10.23 -1.21
N SER A 47 2.84 10.91 -2.23
CA SER A 47 1.45 10.73 -2.63
C SER A 47 1.45 9.59 -3.64
N PHE A 48 0.27 9.14 -4.03
CA PHE A 48 0.20 8.05 -5.00
C PHE A 48 0.69 8.50 -6.37
N ILE A 49 0.27 9.68 -6.80
CA ILE A 49 0.67 10.21 -8.09
C ILE A 49 2.20 10.27 -8.27
N SER A 50 2.90 10.74 -7.24
CA SER A 50 4.36 10.83 -7.32
C SER A 50 4.97 9.45 -7.44
N ALA A 51 4.50 8.54 -6.59
CA ALA A 51 4.99 7.16 -6.58
C ALA A 51 4.72 6.45 -7.90
N TYR A 52 3.50 6.59 -8.41
CA TYR A 52 3.16 5.94 -9.67
C TYR A 52 3.96 6.53 -10.83
N GLN A 53 4.15 7.85 -10.84
CA GLN A 53 4.92 8.46 -11.92
C GLN A 53 6.33 7.92 -11.90
N ALA A 54 6.88 7.78 -10.69
CA ALA A 54 8.22 7.26 -10.50
C ALA A 54 8.30 5.81 -11.01
N LEU A 55 7.29 5.02 -10.67
CA LEU A 55 7.24 3.62 -11.09
C LEU A 55 7.21 3.55 -12.61
N ASN A 56 6.34 4.36 -13.20
CA ASN A 56 6.16 4.41 -14.64
C ASN A 56 7.47 4.84 -15.31
N CYS A 57 8.14 5.83 -14.74
CA CYS A 57 9.41 6.31 -15.27
C CYS A 57 10.47 5.20 -15.28
N LEU A 58 10.51 4.45 -14.18
CA LEU A 58 11.47 3.37 -14.04
C LEU A 58 11.11 2.21 -14.96
N GLY A 59 9.82 1.88 -15.04
CA GLY A 59 9.40 0.80 -15.91
C GLY A 59 10.13 -0.50 -15.59
N GLN A 60 10.56 -1.20 -16.63
CA GLN A 60 11.25 -2.49 -16.45
C GLN A 60 12.63 -2.40 -15.82
N LYS A 61 13.18 -1.21 -15.72
CA LYS A 61 14.50 -1.07 -15.12
C LYS A 61 14.55 -1.41 -13.65
N ILE A 62 13.40 -1.45 -12.97
CA ILE A 62 13.42 -1.79 -11.56
C ILE A 62 13.96 -3.22 -11.40
N TYR A 63 13.84 -4.03 -12.45
CA TYR A 63 14.28 -5.41 -12.40
C TYR A 63 15.78 -5.63 -12.61
N TYR A 64 16.44 -4.72 -13.32
CA TYR A 64 17.86 -4.93 -13.58
C TYR A 64 18.84 -3.76 -13.43
N ALA A 65 18.34 -2.53 -13.51
CA ALA A 65 19.25 -1.37 -13.38
C ALA A 65 19.97 -1.33 -12.04
N ASN A 66 21.14 -0.67 -12.03
CA ASN A 66 21.91 -0.56 -10.79
C ASN A 66 21.42 0.66 -10.00
N GLU A 67 21.88 0.80 -8.76
CA GLU A 67 21.46 1.92 -7.90
C GLU A 67 21.60 3.30 -8.52
N GLU A 68 22.77 3.58 -9.10
CA GLU A 68 23.04 4.88 -9.73
C GLU A 68 22.05 5.19 -10.85
N GLU A 69 21.74 4.20 -11.67
CA GLU A 69 20.83 4.37 -12.80
C GLU A 69 19.39 4.60 -12.34
N ILE A 70 18.99 3.90 -11.30
CA ILE A 70 17.65 4.05 -10.76
C ILE A 70 17.53 5.43 -10.11
N ARG A 71 18.58 5.84 -9.41
CA ARG A 71 18.57 7.15 -8.77
C ARG A 71 18.44 8.24 -9.83
N ASN A 72 19.19 8.11 -10.92
CA ASN A 72 19.15 9.12 -11.99
C ASN A 72 17.78 9.21 -12.65
N ILE A 73 17.12 8.06 -12.83
CA ILE A 73 15.80 8.06 -13.44
C ILE A 73 14.78 8.73 -12.51
N LEU A 74 14.83 8.39 -11.22
CA LEU A 74 13.90 8.98 -10.25
C LEU A 74 14.12 10.49 -10.15
N LYS A 75 15.39 10.90 -10.19
CA LYS A 75 15.71 12.32 -10.11
C LYS A 75 15.13 13.06 -11.31
N SER A 76 15.26 12.48 -12.51
CA SER A 76 14.76 13.10 -13.72
C SER A 76 13.23 13.07 -13.81
N CYS A 77 12.62 12.17 -13.04
CA CYS A 77 11.17 12.01 -13.01
C CYS A 77 10.54 12.95 -12.00
N LYS A 78 11.37 13.74 -11.34
CA LYS A 78 10.93 14.70 -10.34
C LYS A 78 10.48 14.06 -9.02
N TYR A 79 10.92 12.83 -8.78
CA TYR A 79 10.60 12.16 -7.53
C TYR A 79 11.61 12.67 -6.50
N ARG A 80 11.12 13.36 -5.47
CA ARG A 80 11.98 13.96 -4.45
C ARG A 80 12.84 13.05 -3.58
N PHE A 81 12.39 11.83 -3.33
CA PHE A 81 13.16 10.92 -2.48
C PHE A 81 13.97 9.92 -3.28
N TYR A 82 14.54 10.40 -4.40
CA TYR A 82 15.31 9.55 -5.28
C TYR A 82 16.55 8.87 -4.70
N ASN A 83 17.26 9.53 -3.79
CA ASN A 83 18.46 8.95 -3.20
C ASN A 83 18.25 7.71 -2.34
N LEU A 84 17.41 7.83 -1.32
CA LEU A 84 17.17 6.70 -0.44
C LEU A 84 16.34 5.61 -1.11
N LYS A 85 15.36 6.01 -1.91
CA LYS A 85 14.50 5.03 -2.55
C LYS A 85 15.26 4.15 -3.53
N ALA A 86 16.20 4.74 -4.26
CA ALA A 86 17.01 3.95 -5.19
C ALA A 86 17.71 2.83 -4.40
N LYS A 87 18.30 3.19 -3.27
CA LYS A 87 19.00 2.23 -2.41
C LYS A 87 18.07 1.13 -1.89
N TYR A 88 16.88 1.53 -1.47
CA TYR A 88 15.90 0.57 -0.94
C TYR A 88 15.41 -0.41 -1.99
N ILE A 89 15.23 0.09 -3.20
CA ILE A 89 14.76 -0.74 -4.31
C ILE A 89 15.82 -1.80 -4.62
N ILE A 90 17.08 -1.40 -4.65
CA ILE A 90 18.18 -2.32 -4.92
C ILE A 90 18.32 -3.34 -3.82
N MET A 91 18.24 -2.90 -2.56
CA MET A 91 18.36 -3.83 -1.44
C MET A 91 17.20 -4.81 -1.37
N ALA A 92 16.00 -4.37 -1.75
CA ALA A 92 14.84 -5.24 -1.72
C ALA A 92 15.03 -6.30 -2.82
N ARG A 93 15.48 -5.84 -3.99
CA ARG A 93 15.71 -6.73 -5.12
C ARG A 93 16.70 -7.81 -4.72
N GLU A 94 17.83 -7.38 -4.15
CA GLU A 94 18.85 -8.32 -3.72
C GLU A 94 18.34 -9.30 -2.70
N LYS A 95 17.48 -8.82 -1.79
CA LYS A 95 16.96 -9.68 -0.74
C LYS A 95 15.78 -10.59 -1.09
N VAL A 96 14.84 -10.10 -1.89
CA VAL A 96 13.67 -10.90 -2.18
C VAL A 96 13.26 -11.14 -3.62
N TYR A 97 13.87 -10.46 -4.59
CA TYR A 97 13.46 -10.69 -5.96
C TYR A 97 13.64 -12.15 -6.37
N GLY A 98 12.59 -12.74 -6.92
CA GLY A 98 12.65 -14.13 -7.35
C GLY A 98 12.06 -15.12 -6.37
N ARG A 99 11.81 -14.69 -5.14
CA ARG A 99 11.25 -15.56 -4.14
C ARG A 99 10.30 -14.81 -3.21
N LEU A 100 9.84 -13.66 -3.66
CA LEU A 100 8.93 -12.84 -2.89
C LEU A 100 7.58 -13.55 -2.80
N LYS A 101 6.97 -13.82 -3.94
CA LYS A 101 5.69 -14.51 -3.95
C LYS A 101 5.87 -15.90 -3.35
N GLU A 102 6.96 -16.55 -3.74
CA GLU A 102 7.24 -17.90 -3.28
C GLU A 102 7.08 -18.08 -1.78
N GLU A 103 7.66 -17.16 -1.01
CA GLU A 103 7.57 -17.25 0.44
C GLU A 103 6.37 -16.58 1.09
N ILE A 104 5.93 -15.46 0.53
CA ILE A 104 4.82 -14.72 1.12
C ILE A 104 3.40 -15.22 0.87
N LYS A 105 3.10 -15.64 -0.36
CA LYS A 105 1.76 -16.11 -0.67
C LYS A 105 1.26 -17.24 0.24
N PRO A 106 2.03 -18.33 0.36
CA PRO A 106 1.54 -19.40 1.24
C PRO A 106 1.30 -18.94 2.67
N LEU A 107 2.15 -18.02 3.15
CA LEU A 107 2.03 -17.51 4.51
C LEU A 107 0.81 -16.61 4.63
N ALA A 108 0.64 -15.71 3.66
CA ALA A 108 -0.48 -14.79 3.65
C ALA A 108 -1.80 -15.52 3.45
N ASP A 109 -1.76 -16.62 2.70
CA ASP A 109 -2.96 -17.40 2.46
C ASP A 109 -3.48 -17.98 3.76
N GLU A 110 -2.56 -18.26 4.68
CA GLU A 110 -2.91 -18.82 5.98
C GLU A 110 -3.10 -17.76 7.06
N ASP A 111 -2.20 -16.77 7.09
CA ASP A 111 -2.29 -15.72 8.11
C ASP A 111 -1.75 -14.39 7.58
N GLN A 112 -2.66 -13.46 7.30
CA GLN A 112 -2.29 -12.15 6.78
C GLN A 112 -1.48 -11.34 7.79
N GLN A 113 -1.78 -11.53 9.07
CA GLN A 113 -1.09 -10.83 10.14
C GLN A 113 0.39 -11.26 10.17
N LEU A 114 0.63 -12.55 9.98
CA LEU A 114 1.99 -13.08 10.00
C LEU A 114 2.78 -12.71 8.75
N ALA A 115 2.10 -12.68 7.60
CA ALA A 115 2.75 -12.32 6.36
C ALA A 115 3.23 -10.87 6.49
N ARG A 116 2.40 -10.02 7.06
CA ARG A 116 2.81 -8.62 7.23
C ARG A 116 4.07 -8.57 8.08
N GLU A 117 4.12 -9.39 9.12
CA GLU A 117 5.28 -9.41 10.00
C GLU A 117 6.53 -9.83 9.27
N ARG A 118 6.43 -10.80 8.38
CA ARG A 118 7.59 -11.27 7.64
C ARG A 118 8.18 -10.17 6.76
N LEU A 119 7.32 -9.39 6.12
CA LEU A 119 7.74 -8.31 5.23
C LEU A 119 8.52 -7.19 5.92
N LEU A 120 8.33 -7.04 7.22
CA LEU A 120 9.00 -5.99 7.96
C LEU A 120 10.51 -6.15 7.94
N ASN A 121 10.99 -7.31 7.52
CA ASN A 121 12.42 -7.56 7.44
C ASN A 121 13.04 -6.79 6.28
N ILE A 122 12.21 -6.33 5.36
CA ILE A 122 12.68 -5.58 4.21
C ILE A 122 12.91 -4.12 4.57
N LYS A 123 14.11 -3.63 4.32
CA LYS A 123 14.46 -2.24 4.62
C LYS A 123 13.59 -1.28 3.82
N GLY A 124 12.99 -0.34 4.53
CA GLY A 124 12.12 0.63 3.88
C GLY A 124 10.67 0.20 4.01
N ILE A 125 10.46 -1.01 4.52
CA ILE A 125 9.10 -1.53 4.68
C ILE A 125 8.67 -1.57 6.15
N GLY A 126 7.69 -0.74 6.50
CA GLY A 126 7.17 -0.70 7.85
C GLY A 126 5.76 -1.27 7.81
N MET A 127 5.00 -1.13 8.90
CA MET A 127 3.63 -1.64 8.95
C MET A 127 2.73 -1.09 7.85
N GLN A 128 2.89 0.19 7.55
CA GLN A 128 2.05 0.81 6.53
C GLN A 128 2.37 0.25 5.13
N GLU A 129 3.65 0.22 4.79
CA GLU A 129 4.08 -0.26 3.48
C GLU A 129 3.77 -1.74 3.28
N ALA A 130 3.90 -2.52 4.35
CA ALA A 130 3.65 -3.95 4.29
C ALA A 130 2.17 -4.25 4.09
N SER A 131 1.31 -3.48 4.77
CA SER A 131 -0.12 -3.65 4.65
C SER A 131 -0.54 -3.24 3.24
N HIS A 132 0.05 -2.15 2.77
CA HIS A 132 -0.24 -1.62 1.45
C HIS A 132 0.10 -2.69 0.40
N PHE A 133 1.30 -3.25 0.50
CA PHE A 133 1.74 -4.27 -0.44
C PHE A 133 0.82 -5.48 -0.48
N LEU A 134 0.52 -6.06 0.68
CA LEU A 134 -0.34 -7.23 0.73
C LEU A 134 -1.73 -6.93 0.21
N ARG A 135 -2.19 -5.70 0.41
CA ARG A 135 -3.50 -5.30 -0.08
C ARG A 135 -3.44 -5.35 -1.61
N ASN A 136 -2.38 -4.78 -2.17
CA ASN A 136 -2.18 -4.74 -3.62
C ASN A 136 -2.00 -6.10 -4.31
N VAL A 137 -1.69 -7.14 -3.55
CA VAL A 137 -1.56 -8.47 -4.14
C VAL A 137 -2.67 -9.43 -3.68
N GLY A 138 -3.83 -8.87 -3.31
CA GLY A 138 -4.97 -9.68 -2.93
C GLY A 138 -5.37 -9.95 -1.49
N TYR A 139 -4.68 -9.38 -0.51
CA TYR A 139 -5.05 -9.62 0.88
C TYR A 139 -5.66 -8.35 1.48
N PHE A 140 -6.99 -8.37 1.61
CA PHE A 140 -7.75 -7.22 2.06
C PHE A 140 -8.11 -7.05 3.53
N ASP A 141 -7.53 -7.86 4.42
CA ASP A 141 -7.88 -7.75 5.82
C ASP A 141 -6.80 -7.06 6.67
N LEU A 142 -6.06 -6.15 6.02
CA LEU A 142 -5.00 -5.38 6.67
C LEU A 142 -5.20 -3.89 6.33
N ALA A 143 -5.44 -3.06 7.34
CA ALA A 143 -5.63 -1.65 7.11
C ALA A 143 -4.31 -0.96 6.77
N ILE A 144 -4.39 0.10 5.98
CA ILE A 144 -3.21 0.87 5.61
C ILE A 144 -3.36 2.16 6.44
N ILE A 145 -2.51 2.29 7.45
CA ILE A 145 -2.60 3.43 8.37
C ILE A 145 -1.37 4.32 8.47
N ASP A 146 -1.63 5.59 8.73
CA ASP A 146 -0.60 6.60 8.97
C ASP A 146 -1.33 7.80 9.61
N ARG A 147 -0.58 8.72 10.20
CA ARG A 147 -1.22 9.86 10.86
C ARG A 147 -2.32 10.53 10.03
N HIS A 148 -2.12 10.61 8.71
CA HIS A 148 -3.14 11.22 7.87
C HIS A 148 -4.44 10.43 7.96
N ILE A 149 -4.34 9.11 7.90
CA ILE A 149 -5.52 8.24 7.98
C ILE A 149 -6.20 8.40 9.34
N ILE A 150 -5.39 8.50 10.39
CA ILE A 150 -5.93 8.64 11.73
C ILE A 150 -6.72 9.94 11.81
N ASP A 151 -6.15 11.01 11.25
CA ASP A 151 -6.82 12.30 11.25
C ASP A 151 -8.14 12.21 10.50
N PHE A 152 -8.18 11.39 9.45
CA PHE A 152 -9.41 11.23 8.69
C PHE A 152 -10.49 10.59 9.57
N MET A 153 -10.07 9.61 10.37
CA MET A 153 -10.97 8.91 11.27
C MET A 153 -11.54 9.89 12.30
N ARG A 154 -10.70 10.80 12.76
CA ARG A 154 -11.13 11.83 13.71
C ARG A 154 -12.18 12.69 13.04
N ARG A 155 -11.84 13.18 11.85
CA ARG A 155 -12.74 14.04 11.07
C ARG A 155 -14.12 13.46 10.79
N ILE A 156 -14.21 12.15 10.60
CA ILE A 156 -15.51 11.54 10.34
C ILE A 156 -16.20 11.10 11.62
N GLY A 157 -15.60 11.47 12.75
CA GLY A 157 -16.15 11.12 14.04
C GLY A 157 -15.97 9.67 14.43
N ALA A 158 -15.09 8.96 13.73
CA ALA A 158 -14.84 7.55 14.03
C ALA A 158 -14.13 7.42 15.38
N ILE A 159 -13.22 8.35 15.64
CA ILE A 159 -12.49 8.38 16.90
C ILE A 159 -12.45 9.83 17.34
N GLY A 160 -11.89 10.09 18.51
CA GLY A 160 -11.78 11.45 19.00
C GLY A 160 -10.40 12.00 18.70
N GLU A 161 -10.02 13.07 19.38
CA GLU A 161 -8.71 13.68 19.16
C GLU A 161 -7.67 12.98 20.03
N THR A 162 -6.49 12.71 19.44
CA THR A 162 -5.42 12.05 20.19
C THR A 162 -4.05 12.40 19.61
N ASN A 163 -3.06 12.49 20.48
CA ASN A 163 -1.71 12.79 20.06
C ASN A 163 -0.94 11.48 19.93
N VAL A 164 -0.77 11.03 18.69
CA VAL A 164 -0.05 9.80 18.42
C VAL A 164 1.45 10.07 18.49
N LYS A 165 1.99 9.99 19.70
CA LYS A 165 3.41 10.24 19.92
C LYS A 165 4.25 9.23 19.15
N GLN A 166 3.80 7.99 19.13
CA GLN A 166 4.50 6.92 18.43
C GLN A 166 3.50 5.88 17.92
N LEU A 167 3.40 5.72 16.61
CA LEU A 167 2.47 4.76 16.05
C LEU A 167 3.09 3.36 16.13
N SER A 168 2.84 2.69 17.25
CA SER A 168 3.36 1.36 17.49
C SER A 168 2.58 0.28 16.73
N LYS A 169 3.14 -0.92 16.71
CA LYS A 169 2.52 -2.03 16.03
C LYS A 169 1.13 -2.24 16.61
N SER A 170 1.04 -2.23 17.94
CA SER A 170 -0.24 -2.43 18.61
C SER A 170 -1.20 -1.29 18.31
N LEU A 171 -0.71 -0.07 18.42
CA LEU A 171 -1.53 1.11 18.16
C LEU A 171 -2.04 1.02 16.71
N TYR A 172 -1.17 0.56 15.83
CA TYR A 172 -1.51 0.39 14.42
C TYR A 172 -2.64 -0.64 14.32
N ILE A 173 -2.50 -1.76 15.01
CA ILE A 173 -3.53 -2.80 14.98
C ILE A 173 -4.81 -2.24 15.63
N SER A 174 -4.64 -1.35 16.60
CA SER A 174 -5.76 -0.74 17.29
C SER A 174 -6.65 -0.03 16.27
N PHE A 175 -6.07 0.95 15.57
CA PHE A 175 -6.81 1.68 14.56
C PHE A 175 -7.32 0.77 13.45
N GLU A 176 -6.57 -0.29 13.16
CA GLU A 176 -6.96 -1.24 12.12
C GLU A 176 -8.33 -1.85 12.44
N ASN A 177 -8.47 -2.36 13.66
CA ASN A 177 -9.73 -2.97 14.07
C ASN A 177 -10.91 -2.01 13.99
N ILE A 178 -10.66 -0.75 14.33
CA ILE A 178 -11.71 0.25 14.25
C ILE A 178 -12.13 0.40 12.79
N LEU A 179 -11.14 0.52 11.91
CA LEU A 179 -11.43 0.67 10.48
C LEU A 179 -12.17 -0.56 9.96
N LYS A 180 -11.79 -1.73 10.46
CA LYS A 180 -12.45 -2.96 10.04
C LYS A 180 -13.94 -2.94 10.36
N SER A 181 -14.28 -2.47 11.56
CA SER A 181 -15.68 -2.38 11.99
C SER A 181 -16.42 -1.53 10.97
N ILE A 182 -15.85 -0.36 10.69
CA ILE A 182 -16.42 0.58 9.75
C ILE A 182 -16.61 -0.09 8.39
N ALA A 183 -15.52 -0.66 7.88
CA ALA A 183 -15.52 -1.35 6.60
C ALA A 183 -16.62 -2.41 6.60
N SER A 184 -16.68 -3.18 7.68
CA SER A 184 -17.69 -4.23 7.78
C SER A 184 -19.10 -3.69 7.59
N ASN A 185 -19.44 -2.65 8.35
CA ASN A 185 -20.78 -2.05 8.25
C ASN A 185 -21.04 -1.55 6.82
N LEU A 186 -19.99 -1.09 6.16
CA LEU A 186 -20.09 -0.60 4.79
C LEU A 186 -20.12 -1.75 3.80
N ASN A 187 -20.20 -2.96 4.31
CA ASN A 187 -20.26 -4.17 3.50
C ASN A 187 -19.00 -4.43 2.67
N MET A 188 -17.83 -4.28 3.29
CA MET A 188 -16.58 -4.51 2.58
C MET A 188 -15.41 -4.80 3.52
N SER A 189 -14.25 -5.08 2.93
CA SER A 189 -13.04 -5.34 3.69
C SER A 189 -12.30 -4.02 3.92
N VAL A 190 -11.51 -3.96 4.99
CA VAL A 190 -10.77 -2.76 5.33
C VAL A 190 -9.76 -2.35 4.26
N GLY A 191 -9.18 -3.34 3.57
CA GLY A 191 -8.20 -3.04 2.54
C GLY A 191 -8.85 -2.32 1.36
N ILE A 192 -10.16 -2.52 1.21
CA ILE A 192 -10.93 -1.90 0.14
C ILE A 192 -11.51 -0.56 0.61
N LEU A 193 -11.88 -0.46 1.88
CA LEU A 193 -12.40 0.81 2.40
C LEU A 193 -11.35 1.90 2.16
N ASP A 194 -10.09 1.51 2.29
CA ASP A 194 -8.97 2.43 2.07
C ASP A 194 -9.14 3.22 0.77
N LEU A 195 -9.62 2.55 -0.28
CA LEU A 195 -9.80 3.19 -1.57
C LEU A 195 -10.89 4.26 -1.53
N PHE A 196 -11.97 3.97 -0.82
CA PHE A 196 -13.06 4.94 -0.72
C PHE A 196 -12.61 6.15 0.08
N ILE A 197 -11.80 5.89 1.10
CA ILE A 197 -11.25 6.96 1.93
C ILE A 197 -10.41 7.92 1.08
N TRP A 198 -9.47 7.37 0.29
CA TRP A 198 -8.63 8.22 -0.54
C TRP A 198 -9.44 8.90 -1.63
N TYR A 199 -10.57 8.32 -2.01
CA TYR A 199 -11.37 8.97 -3.02
C TYR A 199 -12.02 10.22 -2.45
N LYS A 200 -12.50 10.11 -1.22
CA LYS A 200 -13.13 11.26 -0.58
C LYS A 200 -12.12 12.37 -0.39
N GLU A 201 -10.87 11.99 -0.11
CA GLU A 201 -9.79 12.95 0.11
C GLU A 201 -9.16 13.55 -1.15
N THR A 202 -9.00 12.72 -2.17
CA THR A 202 -8.33 13.16 -3.40
C THR A 202 -9.15 13.21 -4.68
N ASN A 203 -10.35 12.62 -4.64
CA ASN A 203 -11.21 12.56 -5.82
C ASN A 203 -10.65 11.63 -6.88
N THR A 204 -9.74 10.74 -6.48
CA THR A 204 -9.17 9.75 -7.38
C THR A 204 -9.12 8.38 -6.72
N ILE A 205 -9.07 7.32 -7.53
CA ILE A 205 -8.99 5.97 -7.02
C ILE A 205 -7.51 5.58 -7.15
N VAL A 206 -6.83 5.51 -6.02
CA VAL A 206 -5.42 5.18 -6.02
C VAL A 206 -5.22 3.67 -5.88
N LYS A 207 -4.00 3.30 -5.53
CA LYS A 207 -3.65 1.92 -5.27
C LYS A 207 -2.30 1.94 -4.58
C1 GOL B . -1.32 4.23 -1.09
O1 GOL B . -2.01 5.37 -1.62
C2 GOL B . -1.99 3.79 0.21
O2 GOL B . -1.80 4.78 1.21
C3 GOL B . -3.48 3.59 -0.05
O3 GOL B . -3.66 2.65 -1.12
C1 GOL C . 2.09 -0.90 -13.84
O1 GOL C . 2.87 0.25 -13.50
C2 GOL C . 0.78 -0.91 -13.04
O2 GOL C . 1.09 -0.83 -11.65
C3 GOL C . -0.10 0.26 -13.44
O3 GOL C . -0.48 0.15 -14.82
C1 GOL D . 6.46 -17.46 -11.09
O1 GOL D . 6.69 -16.06 -11.15
C2 GOL D . 5.90 -17.82 -9.70
O2 GOL D . 6.78 -17.31 -8.70
C3 GOL D . 4.52 -17.19 -9.52
O3 GOL D . 3.61 -17.69 -10.51
C1 GOL E . -16.39 -4.55 -1.77
O1 GOL E . -15.64 -4.71 -2.97
C2 GOL E . -16.64 -5.92 -1.13
O2 GOL E . -17.38 -6.75 -2.04
C3 GOL E . -15.31 -6.61 -0.82
O3 GOL E . -14.56 -5.84 0.12
C1 GOL F . -5.99 -13.20 9.99
O1 GOL F . -4.76 -12.47 9.85
C2 GOL F . -6.73 -13.20 8.64
O2 GOL F . -7.19 -11.88 8.34
C3 GOL F . -5.77 -13.66 7.54
O3 GOL F . -5.23 -14.94 7.89
S SO4 G . 21.94 15.09 -4.70
O1 SO4 G . 21.00 15.22 -3.63
O2 SO4 G . 21.62 13.95 -5.49
O3 SO4 G . 21.90 16.32 -5.56
O4 SO4 G . 23.32 14.93 -4.14
S SO4 H . 9.69 -12.83 11.30
O1 SO4 H . 9.74 -12.16 12.57
O2 SO4 H . 8.32 -13.02 10.91
O3 SO4 H . 10.39 -11.98 10.27
O4 SO4 H . 10.37 -14.16 11.40
S SO4 I . -9.47 7.83 -10.75
O1 SO4 I . -9.62 8.53 -9.50
O2 SO4 I . -10.48 6.81 -10.85
O3 SO4 I . -9.64 8.81 -11.88
O4 SO4 I . -8.11 7.20 -10.81
S SO4 J . -0.47 -19.17 -8.40
O1 SO4 J . -0.90 -19.81 -7.19
O2 SO4 J . -1.18 -19.73 -9.52
O3 SO4 J . -0.77 -17.70 -8.33
O4 SO4 J . 1.00 -19.38 -8.58
S SO4 K . 10.44 0.37 -19.62
O1 SO4 K . 11.76 -0.16 -19.57
O2 SO4 K . 9.56 -0.44 -18.83
O3 SO4 K . 10.43 1.77 -19.09
O4 SO4 K . 9.95 0.37 -21.05
S SO4 L . 18.16 3.13 -22.95
O1 SO4 L . 18.25 2.48 -21.68
O2 SO4 L . 16.78 3.30 -23.30
O3 SO4 L . 18.83 4.48 -22.87
O4 SO4 L . 18.85 2.30 -23.99
S SO4 M . 15.48 0.23 9.39
O1 SO4 M . 16.26 1.42 9.39
O2 SO4 M . 16.35 -0.90 9.47
O3 SO4 M . 14.55 0.23 10.57
O4 SO4 M . 14.68 0.16 8.12
S SO4 N . 3.16 9.81 9.21
O1 SO4 N . 3.99 9.36 8.14
O2 SO4 N . 2.62 8.68 9.90
O3 SO4 N . 3.97 10.62 10.18
O4 SO4 N . 2.04 10.64 8.66
S SO4 O . 6.96 -1.55 18.50
O1 SO4 O . 8.16 -1.12 17.83
O2 SO4 O . 6.16 -2.33 17.60
O3 SO4 O . 7.33 -2.39 19.68
O4 SO4 O . 6.18 -0.36 18.95
S SO4 P . -12.24 -11.01 0.08
O1 SO4 P . -11.43 -10.93 -1.09
O2 SO4 P . -12.72 -12.35 0.25
O3 SO4 P . -11.43 -10.62 1.29
O4 SO4 P . -13.41 -10.07 -0.04
#